data_7EAU
#
_entry.id   7EAU
#
_entity_poly.entity_id   1
_entity_poly.type   'polypeptide(L)'
_entity_poly.pdbx_seq_one_letter_code
;(PCA)EGKCTAKGECQENTSGVKLFCTSGSCAKKEGQACTRNGPGSSNSASCPK
;
_entity_poly.pdbx_strand_id   A
#
# COMPACT_ATOMS: atom_id res chain seq x y z
N PCA A 1 6.36 0.05 9.08
CA PCA A 1 6.03 1.42 8.69
CB PCA A 1 6.84 2.25 9.68
CG PCA A 1 6.96 1.33 10.85
CD PCA A 1 6.92 0.04 10.28
OE PCA A 1 7.35 -0.96 10.86
C PCA A 1 6.36 1.73 7.24
O PCA A 1 7.49 1.46 6.81
H PCA A 1 6.18 -0.72 8.52
HA PCA A 1 4.97 1.59 8.90
HB2 PCA A 1 6.28 3.13 9.97
HB3 PCA A 1 7.82 2.54 9.32
HG2 PCA A 1 6.14 1.54 11.52
HG3 PCA A 1 7.87 1.61 11.35
N GLU A 2 5.41 2.26 6.47
CA GLU A 2 5.50 2.67 5.06
C GLU A 2 5.68 1.53 4.07
N GLY A 3 5.10 1.65 2.88
CA GLY A 3 5.18 0.66 1.81
C GLY A 3 5.16 1.24 0.40
N LYS A 4 5.83 0.59 -0.55
CA LYS A 4 5.98 1.03 -1.94
C LYS A 4 5.12 0.21 -2.90
N CYS A 5 4.69 0.82 -4.01
CA CYS A 5 3.78 0.25 -5.00
C CYS A 5 4.46 -0.48 -6.15
N THR A 6 3.74 -1.40 -6.78
CA THR A 6 4.20 -2.33 -7.81
C THR A 6 3.45 -2.17 -9.14
N ALA A 7 3.97 -2.78 -10.21
CA ALA A 7 3.44 -2.75 -11.57
C ALA A 7 2.02 -3.33 -11.77
N LYS A 8 1.52 -4.17 -10.88
CA LYS A 8 0.15 -4.73 -10.92
C LYS A 8 -0.94 -3.79 -10.41
N GLY A 9 -0.62 -2.78 -9.60
CA GLY A 9 -1.55 -1.80 -9.06
C GLY A 9 -1.85 -1.90 -7.57
N GLU A 10 -0.99 -2.52 -6.77
CA GLU A 10 -1.12 -2.67 -5.32
C GLU A 10 0.14 -2.23 -4.58
N CYS A 11 0.02 -1.74 -3.34
CA CYS A 11 1.12 -1.30 -2.49
C CYS A 11 1.47 -2.38 -1.47
N GLN A 12 2.75 -2.74 -1.33
CA GLN A 12 3.25 -3.78 -0.44
C GLN A 12 4.02 -3.20 0.75
N GLU A 13 4.00 -3.91 1.88
CA GLU A 13 4.69 -3.54 3.12
C GLU A 13 6.08 -4.18 3.22
N ASN A 14 7.08 -3.44 3.69
CA ASN A 14 8.49 -3.86 3.76
C ASN A 14 8.85 -4.73 4.96
N THR A 15 7.94 -5.05 5.88
CA THR A 15 8.19 -5.83 7.10
C THR A 15 7.89 -7.31 6.86
N SER A 16 6.74 -7.64 6.30
CA SER A 16 6.28 -9.00 5.98
C SER A 16 6.31 -9.29 4.48
N GLY A 17 5.89 -8.35 3.63
CA GLY A 17 5.82 -8.51 2.19
C GLY A 17 4.46 -8.96 1.68
N VAL A 18 3.38 -8.30 2.14
CA VAL A 18 1.99 -8.56 1.78
C VAL A 18 1.42 -7.44 0.91
N LYS A 19 0.66 -7.78 -0.12
CA LYS A 19 0.04 -6.85 -1.07
C LYS A 19 -1.37 -6.44 -0.65
N LEU A 20 -1.70 -5.14 -0.72
CA LEU A 20 -2.96 -4.55 -0.25
C LEU A 20 -3.54 -3.45 -1.16
N PHE A 21 -4.81 -3.10 -0.96
CA PHE A 21 -5.55 -2.08 -1.69
C PHE A 21 -5.56 -0.77 -0.90
N CYS A 22 -5.71 0.37 -1.59
CA CYS A 22 -5.71 1.72 -1.02
C CYS A 22 -6.98 2.52 -1.32
N THR A 23 -7.43 3.34 -0.37
CA THR A 23 -8.56 4.25 -0.48
C THR A 23 -8.09 5.70 -0.37
N SER A 24 -8.57 6.61 -1.23
CA SER A 24 -8.21 8.01 -1.33
C SER A 24 -6.70 8.24 -1.49
N GLY A 25 -6.13 7.72 -2.58
CA GLY A 25 -4.71 7.77 -2.86
C GLY A 25 -4.27 7.29 -4.23
N SER A 26 -4.79 6.15 -4.69
CA SER A 26 -4.51 5.48 -5.96
C SER A 26 -3.17 4.76 -5.95
N CYS A 27 -3.15 3.45 -6.24
CA CYS A 27 -1.96 2.60 -6.25
C CYS A 27 -1.57 2.15 -7.66
N ALA A 28 -1.89 2.92 -8.70
CA ALA A 28 -1.67 2.57 -10.11
C ALA A 28 -0.29 3.04 -10.60
N LYS A 29 0.72 2.18 -10.45
CA LYS A 29 2.11 2.35 -10.86
C LYS A 29 2.78 3.59 -10.29
N LYS A 30 3.54 3.47 -9.20
CA LYS A 30 4.25 4.55 -8.53
C LYS A 30 5.69 4.19 -8.20
N GLU A 31 5.93 3.18 -7.36
CA GLU A 31 7.24 2.69 -6.91
C GLU A 31 8.14 3.75 -6.27
N GLY A 32 7.69 4.32 -5.15
CA GLY A 32 8.38 5.36 -4.40
C GLY A 32 7.51 6.54 -4.01
N GLN A 33 6.37 6.29 -3.38
CA GLN A 33 5.44 7.26 -2.83
C GLN A 33 5.37 7.25 -1.30
N ALA A 34 5.49 6.10 -0.64
CA ALA A 34 5.40 5.88 0.80
C ALA A 34 3.95 5.84 1.29
N CYS A 35 3.26 4.71 1.06
CA CYS A 35 1.86 4.48 1.40
C CYS A 35 1.80 3.68 2.70
N THR A 36 1.03 4.14 3.69
CA THR A 36 0.95 3.57 5.03
C THR A 36 -0.19 2.56 5.17
N ARG A 37 -0.03 1.55 6.03
CA ARG A 37 -0.94 0.42 6.22
C ARG A 37 -1.92 0.66 7.36
N ASN A 38 -3.20 0.31 7.17
CA ASN A 38 -4.27 0.37 8.16
C ASN A 38 -5.14 -0.88 8.11
N GLY A 39 -5.23 -1.64 9.20
CA GLY A 39 -6.07 -2.82 9.33
C GLY A 39 -5.50 -4.09 8.72
N PRO A 40 -4.46 -4.74 9.28
CA PRO A 40 -3.84 -5.94 8.70
C PRO A 40 -4.60 -7.24 8.95
N GLY A 41 -4.71 -8.10 7.94
CA GLY A 41 -5.38 -9.39 8.02
C GLY A 41 -6.84 -9.35 7.61
N SER A 42 -7.65 -8.54 8.28
CA SER A 42 -9.10 -8.43 8.07
C SER A 42 -9.50 -7.42 7.00
N SER A 43 -8.91 -6.22 6.98
CA SER A 43 -9.28 -5.11 6.11
C SER A 43 -8.39 -5.03 4.87
N ASN A 44 -7.08 -4.92 5.01
CA ASN A 44 -6.07 -4.73 3.96
C ASN A 44 -6.25 -3.39 3.22
N SER A 45 -6.24 -2.30 3.98
CA SER A 45 -6.48 -0.93 3.51
C SER A 45 -5.26 -0.04 3.75
N ALA A 46 -5.03 0.96 2.88
CA ALA A 46 -3.92 1.90 2.98
C ALA A 46 -4.26 3.32 2.52
N SER A 47 -3.61 4.33 3.12
CA SER A 47 -3.74 5.74 2.79
C SER A 47 -2.44 6.23 2.15
N CYS A 48 -2.47 6.69 0.91
CA CYS A 48 -1.31 7.16 0.13
C CYS A 48 -1.29 8.69 0.05
N PRO A 49 -0.14 9.39 0.00
CA PRO A 49 -0.08 10.84 -0.08
C PRO A 49 -0.26 11.40 -1.49
N LYS A 50 -1.31 12.20 -1.72
CA LYS A 50 -1.64 12.83 -2.99
C LYS A 50 -1.70 14.35 -2.88
N PCA A 1 7.01 0.91 9.10
CA PCA A 1 6.07 2.02 9.14
CB PCA A 1 6.96 3.15 9.66
CG PCA A 1 8.00 2.42 10.44
CD PCA A 1 8.10 1.18 9.81
OE PCA A 1 9.09 0.45 9.92
C PCA A 1 5.40 2.32 7.80
O PCA A 1 4.18 2.46 7.78
H PCA A 1 6.84 0.07 8.61
HA PCA A 1 5.33 1.81 9.88
HB2 PCA A 1 6.39 3.81 10.30
HB3 PCA A 1 7.41 3.74 8.86
HG2 PCA A 1 7.65 2.38 11.46
HG3 PCA A 1 8.87 3.05 10.42
N GLU A 2 6.16 2.41 6.70
CA GLU A 2 5.69 2.71 5.35
C GLU A 2 6.10 1.62 4.36
N GLY A 3 5.23 1.29 3.41
CA GLY A 3 5.46 0.29 2.37
C GLY A 3 5.66 0.86 0.98
N LYS A 4 6.21 0.06 0.06
CA LYS A 4 6.51 0.43 -1.32
C LYS A 4 5.55 -0.25 -2.29
N CYS A 5 5.05 0.46 -3.31
CA CYS A 5 4.03 0.00 -4.24
C CYS A 5 4.58 -0.69 -5.49
N THR A 6 3.80 -1.57 -6.11
CA THR A 6 4.18 -2.47 -7.20
C THR A 6 3.41 -2.23 -8.50
N ALA A 7 3.95 -2.71 -9.62
CA ALA A 7 3.42 -2.58 -10.98
C ALA A 7 2.07 -3.24 -11.27
N LYS A 8 1.65 -4.26 -10.52
CA LYS A 8 0.34 -4.91 -10.62
C LYS A 8 -0.86 -4.06 -10.18
N GLY A 9 -0.65 -3.01 -9.38
CA GLY A 9 -1.69 -2.14 -8.85
C GLY A 9 -2.01 -2.33 -7.38
N GLU A 10 -1.13 -2.94 -6.58
CA GLU A 10 -1.24 -3.13 -5.13
C GLU A 10 0.02 -2.62 -4.41
N CYS A 11 -0.05 -2.42 -3.10
CA CYS A 11 1.05 -1.89 -2.28
C CYS A 11 1.44 -2.87 -1.17
N GLN A 12 2.73 -3.16 -0.99
CA GLN A 12 3.28 -4.13 -0.05
C GLN A 12 4.19 -3.54 1.03
N GLU A 13 4.33 -4.23 2.17
CA GLU A 13 5.17 -3.84 3.30
C GLU A 13 6.59 -4.40 3.13
N ASN A 14 7.62 -3.60 3.40
CA ASN A 14 9.03 -3.91 3.21
C ASN A 14 9.66 -4.87 4.22
N THR A 15 9.01 -5.18 5.35
CA THR A 15 9.55 -6.00 6.44
C THR A 15 9.11 -7.45 6.31
N SER A 16 7.82 -7.71 6.11
CA SER A 16 7.22 -9.04 5.98
C SER A 16 6.85 -9.39 4.53
N GLY A 17 6.27 -8.45 3.78
CA GLY A 17 5.83 -8.65 2.41
C GLY A 17 4.36 -8.99 2.28
N VAL A 18 3.48 -8.25 2.94
CA VAL A 18 2.04 -8.42 2.93
C VAL A 18 1.40 -7.52 1.86
N LYS A 19 0.63 -8.07 0.93
CA LYS A 19 0.00 -7.38 -0.19
C LYS A 19 -1.40 -6.85 0.14
N LEU A 20 -1.70 -5.59 -0.17
CA LEU A 20 -2.96 -4.92 0.14
C LEU A 20 -3.45 -3.92 -0.90
N PHE A 21 -4.70 -3.47 -0.80
CA PHE A 21 -5.32 -2.42 -1.61
C PHE A 21 -5.30 -1.07 -0.88
N CYS A 22 -5.35 0.04 -1.59
CA CYS A 22 -5.30 1.40 -1.03
C CYS A 22 -6.58 2.21 -1.25
N THR A 23 -7.09 2.86 -0.21
CA THR A 23 -8.23 3.78 -0.22
C THR A 23 -7.76 5.21 0.06
N SER A 24 -8.43 6.21 -0.51
CA SER A 24 -8.09 7.63 -0.48
C SER A 24 -6.93 8.08 -1.38
N GLY A 25 -6.24 7.18 -2.09
CA GLY A 25 -5.15 7.49 -3.00
C GLY A 25 -5.22 6.74 -4.32
N SER A 26 -4.08 6.45 -4.94
CA SER A 26 -3.95 5.68 -6.18
C SER A 26 -2.69 4.82 -6.20
N CYS A 27 -2.81 3.49 -6.33
CA CYS A 27 -1.71 2.55 -6.43
C CYS A 27 -1.47 2.02 -7.85
N ALA A 28 -2.01 2.65 -8.90
CA ALA A 28 -1.91 2.21 -10.30
C ALA A 28 -0.56 2.59 -10.91
N LYS A 29 0.46 1.78 -10.65
CA LYS A 29 1.85 1.91 -11.11
C LYS A 29 2.51 3.18 -10.59
N LYS A 30 3.25 3.11 -9.48
CA LYS A 30 3.88 4.24 -8.80
C LYS A 30 5.38 4.04 -8.56
N GLU A 31 5.79 3.22 -7.60
CA GLU A 31 7.16 2.98 -7.15
C GLU A 31 7.81 4.26 -6.61
N GLY A 32 7.65 4.53 -5.31
CA GLY A 32 8.16 5.70 -4.63
C GLY A 32 7.11 6.68 -4.12
N GLN A 33 5.99 6.20 -3.57
CA GLN A 33 4.94 6.99 -2.94
C GLN A 33 5.04 6.95 -1.42
N ALA A 34 5.24 5.78 -0.80
CA ALA A 34 5.27 5.51 0.63
C ALA A 34 3.86 5.54 1.24
N CYS A 35 3.23 4.38 1.38
CA CYS A 35 1.85 4.20 1.83
C CYS A 35 1.80 3.47 3.18
N THR A 36 0.86 3.82 4.06
CA THR A 36 0.76 3.34 5.43
C THR A 36 -0.40 2.36 5.63
N ARG A 37 -0.25 1.37 6.51
CA ARG A 37 -1.19 0.28 6.77
C ARG A 37 -2.36 0.69 7.67
N ASN A 38 -3.58 0.26 7.34
CA ASN A 38 -4.80 0.51 8.10
C ASN A 38 -5.77 -0.68 8.03
N GLY A 39 -6.28 -1.17 9.16
CA GLY A 39 -7.21 -2.28 9.24
C GLY A 39 -6.54 -3.64 9.12
N PRO A 40 -5.63 -4.05 10.02
CA PRO A 40 -4.84 -5.28 9.89
C PRO A 40 -5.60 -6.58 10.20
N GLY A 41 -5.30 -7.66 9.47
CA GLY A 41 -5.88 -8.98 9.67
C GLY A 41 -7.07 -9.28 8.78
N SER A 42 -8.10 -8.43 8.77
CA SER A 42 -9.38 -8.63 8.09
C SER A 42 -9.65 -7.70 6.91
N SER A 43 -9.26 -6.43 6.95
CA SER A 43 -9.59 -5.43 5.94
C SER A 43 -8.58 -5.37 4.80
N ASN A 44 -7.29 -5.20 5.08
CA ASN A 44 -6.18 -5.04 4.13
C ASN A 44 -6.30 -3.75 3.32
N SER A 45 -6.32 -2.62 4.02
CA SER A 45 -6.45 -1.27 3.48
C SER A 45 -5.23 -0.40 3.79
N ALA A 46 -4.96 0.62 2.96
CA ALA A 46 -3.89 1.59 3.16
C ALA A 46 -4.23 3.01 2.71
N SER A 47 -3.73 4.02 3.42
CA SER A 47 -3.93 5.45 3.13
C SER A 47 -2.63 6.01 2.54
N CYS A 48 -2.65 6.47 1.29
CA CYS A 48 -1.49 6.95 0.54
C CYS A 48 -1.48 8.47 0.40
N PRO A 49 -0.39 9.21 0.62
CA PRO A 49 -0.34 10.67 0.42
C PRO A 49 -0.05 11.08 -1.02
N LYS A 50 -0.86 11.95 -1.61
CA LYS A 50 -0.76 12.44 -2.98
C LYS A 50 -0.68 13.97 -3.06
N PCA A 1 8.05 1.11 9.19
CA PCA A 1 6.88 1.99 9.22
CB PCA A 1 7.46 3.29 9.78
CG PCA A 1 8.62 2.79 10.58
CD PCA A 1 9.02 1.62 9.94
OE PCA A 1 10.14 1.14 10.07
C PCA A 1 6.16 2.17 7.89
O PCA A 1 4.93 2.34 7.93
H PCA A 1 8.07 0.28 8.68
HA PCA A 1 6.18 1.60 9.96
HB2 PCA A 1 6.73 3.77 10.42
HB3 PCA A 1 7.78 3.97 9.01
HG2 PCA A 1 8.27 2.65 11.59
HG3 PCA A 1 9.33 3.61 10.60
N GLU A 2 6.85 2.14 6.76
CA GLU A 2 6.32 2.38 5.42
C GLU A 2 6.51 1.20 4.46
N GLY A 3 5.57 1.02 3.53
CA GLY A 3 5.61 0.01 2.48
C GLY A 3 5.81 0.60 1.09
N LYS A 4 6.43 -0.14 0.18
CA LYS A 4 6.74 0.27 -1.20
C LYS A 4 5.73 -0.32 -2.18
N CYS A 5 5.32 0.45 -3.18
CA CYS A 5 4.22 0.12 -4.09
C CYS A 5 4.72 -0.44 -5.43
N THR A 6 4.00 -1.39 -6.01
CA THR A 6 4.43 -2.23 -7.13
C THR A 6 3.59 -2.06 -8.40
N ALA A 7 4.09 -2.57 -9.53
CA ALA A 7 3.49 -2.50 -10.86
C ALA A 7 2.13 -3.17 -11.05
N LYS A 8 1.75 -4.16 -10.24
CA LYS A 8 0.43 -4.80 -10.24
C LYS A 8 -0.73 -3.93 -9.78
N GLY A 9 -0.48 -2.86 -9.02
CA GLY A 9 -1.46 -1.94 -8.47
C GLY A 9 -1.74 -2.06 -6.98
N GLU A 10 -0.96 -2.82 -6.23
CA GLU A 10 -1.04 -2.97 -4.77
C GLU A 10 0.31 -2.69 -4.11
N CYS A 11 0.35 -2.40 -2.82
CA CYS A 11 1.56 -2.03 -2.09
C CYS A 11 1.99 -3.13 -1.12
N GLN A 12 3.29 -3.48 -1.13
CA GLN A 12 3.89 -4.56 -0.34
C GLN A 12 4.58 -4.05 0.92
N GLU A 13 4.55 -4.84 2.00
CA GLU A 13 5.15 -4.54 3.29
C GLU A 13 6.62 -4.98 3.32
N ASN A 14 7.52 -4.15 3.83
CA ASN A 14 8.97 -4.37 3.86
C ASN A 14 9.47 -5.37 4.91
N THR A 15 8.63 -5.89 5.82
CA THR A 15 8.99 -6.81 6.89
C THR A 15 8.56 -8.24 6.54
N SER A 16 7.31 -8.44 6.13
CA SER A 16 6.72 -9.74 5.80
C SER A 16 6.57 -9.96 4.29
N GLY A 17 6.13 -8.96 3.53
CA GLY A 17 5.89 -9.05 2.10
C GLY A 17 4.45 -9.35 1.74
N VAL A 18 3.49 -8.64 2.34
CA VAL A 18 2.05 -8.80 2.14
C VAL A 18 1.51 -7.65 1.30
N LYS A 19 0.72 -7.95 0.25
CA LYS A 19 0.15 -6.99 -0.69
C LYS A 19 -1.28 -6.58 -0.33
N LEU A 20 -1.60 -5.29 -0.38
CA LEU A 20 -2.87 -4.69 0.01
C LEU A 20 -3.31 -3.52 -0.88
N PHE A 21 -4.58 -3.12 -0.80
CA PHE A 21 -5.20 -2.07 -1.62
C PHE A 21 -5.27 -0.75 -0.86
N CYS A 22 -5.27 0.37 -1.59
CA CYS A 22 -5.28 1.74 -1.06
C CYS A 22 -6.62 2.45 -1.31
N THR A 23 -7.19 3.11 -0.30
CA THR A 23 -8.41 3.90 -0.37
C THR A 23 -8.03 5.39 -0.38
N SER A 24 -8.63 6.18 -1.26
CA SER A 24 -8.36 7.61 -1.48
C SER A 24 -6.89 8.00 -1.68
N GLY A 25 -6.08 7.11 -2.26
CA GLY A 25 -4.66 7.27 -2.51
C GLY A 25 -4.16 7.03 -3.93
N SER A 26 -4.83 6.19 -4.72
CA SER A 26 -4.51 5.78 -6.10
C SER A 26 -3.13 5.14 -6.26
N CYS A 27 -3.07 3.82 -6.47
CA CYS A 27 -1.83 3.05 -6.58
C CYS A 27 -1.61 2.41 -7.95
N ALA A 28 -2.07 3.04 -9.04
CA ALA A 28 -1.94 2.55 -10.42
C ALA A 28 -0.55 2.82 -10.99
N LYS A 29 0.42 1.98 -10.61
CA LYS A 29 1.83 2.02 -11.00
C LYS A 29 2.54 3.26 -10.49
N LYS A 30 3.18 3.20 -9.31
CA LYS A 30 3.80 4.34 -8.65
C LYS A 30 5.32 4.17 -8.52
N GLU A 31 5.80 3.28 -7.64
CA GLU A 31 7.20 3.04 -7.30
C GLU A 31 7.90 4.29 -6.77
N GLY A 32 7.90 4.48 -5.44
CA GLY A 32 8.50 5.63 -4.77
C GLY A 32 7.51 6.62 -4.18
N GLN A 33 6.42 6.15 -3.56
CA GLN A 33 5.44 6.95 -2.84
C GLN A 33 5.64 6.85 -1.32
N ALA A 34 5.80 5.66 -0.76
CA ALA A 34 5.89 5.34 0.66
C ALA A 34 4.53 5.53 1.36
N CYS A 35 3.71 4.48 1.35
CA CYS A 35 2.33 4.47 1.83
C CYS A 35 2.21 3.72 3.16
N THR A 36 1.26 4.11 4.00
CA THR A 36 1.04 3.55 5.35
C THR A 36 -0.22 2.68 5.37
N ARG A 37 -0.14 1.48 5.95
CA ARG A 37 -1.21 0.49 6.01
C ARG A 37 -2.02 0.55 7.31
N ASN A 38 -3.32 0.28 7.24
CA ASN A 38 -4.25 0.28 8.36
C ASN A 38 -5.19 -0.92 8.32
N GLY A 39 -5.25 -1.72 9.37
CA GLY A 39 -6.14 -2.87 9.52
C GLY A 39 -5.74 -4.10 8.72
N PRO A 40 -4.58 -4.74 8.94
CA PRO A 40 -4.14 -5.93 8.18
C PRO A 40 -4.81 -7.24 8.63
N GLY A 41 -5.27 -8.05 7.68
CA GLY A 41 -5.96 -9.31 7.93
C GLY A 41 -7.42 -9.29 7.53
N SER A 42 -8.17 -8.27 7.93
CA SER A 42 -9.60 -8.11 7.69
C SER A 42 -9.92 -6.99 6.70
N SER A 43 -9.33 -5.79 6.86
CA SER A 43 -9.60 -4.61 6.05
C SER A 43 -8.65 -4.49 4.86
N ASN A 44 -7.33 -4.46 5.08
CA ASN A 44 -6.28 -4.29 4.08
C ASN A 44 -6.37 -2.97 3.30
N SER A 45 -6.52 -1.86 4.03
CA SER A 45 -6.71 -0.51 3.51
C SER A 45 -5.57 0.42 3.93
N ALA A 46 -4.95 1.13 2.98
CA ALA A 46 -3.82 2.02 3.20
C ALA A 46 -4.12 3.47 2.81
N SER A 47 -3.50 4.44 3.48
CA SER A 47 -3.66 5.87 3.25
C SER A 47 -2.40 6.42 2.58
N CYS A 48 -2.50 6.89 1.34
CA CYS A 48 -1.40 7.40 0.51
C CYS A 48 -1.57 8.88 0.17
N PRO A 49 -0.52 9.68 -0.06
CA PRO A 49 -0.65 11.07 -0.51
C PRO A 49 -0.76 11.21 -2.03
N LYS A 50 -1.75 11.96 -2.54
CA LYS A 50 -2.00 12.16 -3.96
C LYS A 50 -1.42 13.50 -4.41
N PCA A 1 6.81 3.43 9.85
CA PCA A 1 5.86 2.70 9.03
CB PCA A 1 4.57 2.85 9.84
CG PCA A 1 5.07 3.02 11.24
CD PCA A 1 6.33 3.62 11.07
OE PCA A 1 6.88 4.26 11.97
C PCA A 1 5.77 3.26 7.61
O PCA A 1 5.32 4.40 7.43
H PCA A 1 7.70 3.68 9.54
HA PCA A 1 6.12 1.66 9.02
HB2 PCA A 1 3.97 1.95 9.76
HB3 PCA A 1 3.97 3.70 9.54
HG2 PCA A 1 5.11 2.04 11.69
HG3 PCA A 1 4.32 3.59 11.76
N GLU A 2 6.28 2.52 6.62
CA GLU A 2 6.30 2.89 5.20
C GLU A 2 6.46 1.69 4.26
N GLY A 3 5.61 1.56 3.25
CA GLY A 3 5.66 0.51 2.23
C GLY A 3 5.84 1.02 0.81
N LYS A 4 6.35 0.20 -0.09
CA LYS A 4 6.59 0.50 -1.50
C LYS A 4 5.56 -0.21 -2.39
N CYS A 5 5.03 0.48 -3.39
CA CYS A 5 3.93 0.03 -4.24
C CYS A 5 4.41 -0.71 -5.51
N THR A 6 3.60 -1.62 -6.03
CA THR A 6 3.91 -2.54 -7.13
C THR A 6 3.09 -2.29 -8.39
N ALA A 7 3.57 -2.77 -9.54
CA ALA A 7 3.03 -2.56 -10.87
C ALA A 7 1.62 -3.07 -11.16
N LYS A 8 1.12 -4.09 -10.44
CA LYS A 8 -0.22 -4.63 -10.60
C LYS A 8 -1.36 -3.79 -10.03
N GLY A 9 -1.08 -2.89 -9.08
CA GLY A 9 -2.05 -2.05 -8.40
C GLY A 9 -2.32 -2.36 -6.94
N GLU A 10 -1.36 -2.96 -6.22
CA GLU A 10 -1.37 -3.15 -4.76
C GLU A 10 -0.07 -2.62 -4.15
N CYS A 11 -0.04 -2.35 -2.84
CA CYS A 11 1.12 -1.83 -2.13
C CYS A 11 1.58 -2.80 -1.04
N GLN A 12 2.89 -3.05 -0.94
CA GLN A 12 3.51 -4.05 -0.06
C GLN A 12 4.36 -3.46 1.06
N GLU A 13 4.51 -4.19 2.16
CA GLU A 13 5.33 -3.84 3.32
C GLU A 13 6.67 -4.58 3.31
N ASN A 14 7.74 -3.92 3.77
CA ASN A 14 9.12 -4.41 3.76
C ASN A 14 9.51 -5.41 4.85
N THR A 15 8.66 -5.74 5.82
CA THR A 15 8.94 -6.60 6.96
C THR A 15 8.57 -8.05 6.65
N SER A 16 7.33 -8.30 6.23
CA SER A 16 6.80 -9.62 5.86
C SER A 16 6.62 -9.81 4.36
N GLY A 17 6.20 -8.78 3.63
CA GLY A 17 5.93 -8.83 2.19
C GLY A 17 4.50 -9.19 1.86
N VAL A 18 3.52 -8.56 2.51
CA VAL A 18 2.08 -8.75 2.32
C VAL A 18 1.54 -7.71 1.34
N LYS A 19 0.49 -8.05 0.58
CA LYS A 19 -0.11 -7.24 -0.48
C LYS A 19 -1.50 -6.73 -0.10
N LEU A 20 -1.76 -5.43 -0.26
CA LEU A 20 -3.01 -4.76 0.10
C LEU A 20 -3.48 -3.68 -0.88
N PHE A 21 -4.73 -3.25 -0.79
CA PHE A 21 -5.35 -2.20 -1.62
C PHE A 21 -5.35 -0.83 -0.96
N CYS A 22 -5.67 0.23 -1.69
CA CYS A 22 -5.58 1.63 -1.28
C CYS A 22 -6.96 2.26 -1.10
N THR A 23 -7.10 3.13 -0.09
CA THR A 23 -8.27 3.99 0.13
C THR A 23 -7.81 5.45 0.20
N SER A 24 -8.46 6.37 -0.51
CA SER A 24 -8.16 7.80 -0.61
C SER A 24 -6.71 8.12 -0.97
N GLY A 25 -6.24 7.63 -2.11
CA GLY A 25 -4.87 7.79 -2.57
C GLY A 25 -4.51 7.14 -3.89
N SER A 26 -5.00 5.93 -4.17
CA SER A 26 -4.80 5.12 -5.37
C SER A 26 -3.43 4.46 -5.44
N CYS A 27 -3.39 3.17 -5.80
CA CYS A 27 -2.18 2.35 -5.91
C CYS A 27 -1.56 2.36 -7.32
N ALA A 28 -2.37 2.27 -8.38
CA ALA A 28 -2.02 2.12 -9.79
C ALA A 28 -0.68 2.66 -10.28
N LYS A 29 0.37 1.86 -10.14
CA LYS A 29 1.76 2.09 -10.53
C LYS A 29 2.39 3.36 -9.96
N LYS A 30 3.16 3.25 -8.87
CA LYS A 30 3.86 4.35 -8.22
C LYS A 30 5.36 4.08 -8.02
N GLU A 31 5.75 3.21 -7.10
CA GLU A 31 7.11 2.88 -6.67
C GLU A 31 7.84 4.10 -6.11
N GLY A 32 8.04 4.15 -4.80
CA GLY A 32 8.70 5.26 -4.10
C GLY A 32 7.77 6.36 -3.62
N GLN A 33 6.58 6.05 -3.12
CA GLN A 33 5.62 6.98 -2.51
C GLN A 33 5.65 6.95 -0.99
N ALA A 34 5.73 5.79 -0.35
CA ALA A 34 5.64 5.53 1.08
C ALA A 34 4.20 5.52 1.56
N CYS A 35 3.53 4.37 1.47
CA CYS A 35 2.12 4.16 1.80
C CYS A 35 2.00 3.41 3.12
N THR A 36 1.10 3.85 4.02
CA THR A 36 0.99 3.37 5.40
C THR A 36 -0.13 2.35 5.60
N ARG A 37 -0.05 1.55 6.66
CA ARG A 37 -0.93 0.41 6.97
C ARG A 37 -2.22 0.84 7.67
N ASN A 38 -3.37 0.32 7.25
CA ASN A 38 -4.69 0.59 7.84
C ASN A 38 -5.57 -0.67 7.84
N GLY A 39 -5.63 -1.39 8.96
CA GLY A 39 -6.47 -2.56 9.16
C GLY A 39 -5.98 -3.82 8.47
N PRO A 40 -4.80 -4.39 8.81
CA PRO A 40 -4.23 -5.54 8.11
C PRO A 40 -4.80 -6.90 8.51
N GLY A 41 -4.85 -7.85 7.57
CA GLY A 41 -5.38 -9.19 7.78
C GLY A 41 -6.82 -9.35 7.36
N SER A 42 -7.73 -8.54 7.89
CA SER A 42 -9.17 -8.60 7.64
C SER A 42 -9.62 -7.63 6.55
N SER A 43 -9.22 -6.36 6.61
CA SER A 43 -9.64 -5.30 5.68
C SER A 43 -8.64 -5.11 4.54
N ASN A 44 -7.35 -4.94 4.83
CA ASN A 44 -6.25 -4.73 3.88
C ASN A 44 -6.37 -3.41 3.12
N SER A 45 -6.31 -2.30 3.84
CA SER A 45 -6.40 -0.93 3.32
C SER A 45 -5.18 -0.10 3.66
N ALA A 46 -4.83 0.88 2.81
CA ALA A 46 -3.71 1.80 3.02
C ALA A 46 -4.00 3.24 2.61
N SER A 47 -3.33 4.20 3.25
CA SER A 47 -3.44 5.64 2.99
C SER A 47 -2.20 6.12 2.26
N CYS A 48 -2.33 6.58 1.02
CA CYS A 48 -1.26 7.04 0.14
C CYS A 48 -1.36 8.55 -0.10
N PRO A 49 -0.27 9.35 -0.10
CA PRO A 49 -0.35 10.80 -0.38
C PRO A 49 -0.30 11.13 -1.87
N LYS A 50 -1.27 11.91 -2.38
CA LYS A 50 -1.39 12.34 -3.77
C LYS A 50 -1.25 13.85 -3.92
N PCA A 1 6.31 0.48 9.34
CA PCA A 1 5.82 1.78 8.87
CB PCA A 1 6.38 2.73 9.93
CG PCA A 1 6.49 1.84 11.14
CD PCA A 1 6.70 0.56 10.60
OE PCA A 1 7.20 -0.35 11.26
C PCA A 1 6.30 2.11 7.46
O PCA A 1 7.49 1.98 7.18
H PCA A 1 6.31 -0.31 8.78
HA PCA A 1 4.75 1.80 8.95
HB2 PCA A 1 5.69 3.52 10.13
HB3 PCA A 1 7.35 3.13 9.68
HG2 PCA A 1 5.57 1.94 11.70
HG3 PCA A 1 7.29 2.26 11.74
N GLU A 2 5.38 2.55 6.58
CA GLU A 2 5.60 2.96 5.19
C GLU A 2 5.96 1.80 4.26
N GLY A 3 5.30 1.67 3.12
CA GLY A 3 5.52 0.62 2.13
C GLY A 3 5.62 1.09 0.70
N LYS A 4 6.16 0.26 -0.20
CA LYS A 4 6.38 0.54 -1.62
C LYS A 4 5.38 -0.23 -2.48
N CYS A 5 4.82 0.41 -3.50
CA CYS A 5 3.78 -0.14 -4.37
C CYS A 5 4.34 -0.81 -5.63
N THR A 6 3.60 -1.76 -6.21
CA THR A 6 4.01 -2.62 -7.30
C THR A 6 3.23 -2.38 -8.59
N ALA A 7 3.76 -2.84 -9.73
CA ALA A 7 3.21 -2.68 -11.07
C ALA A 7 1.82 -3.26 -11.31
N LYS A 8 1.42 -4.33 -10.61
CA LYS A 8 0.09 -4.94 -10.64
C LYS A 8 -1.07 -4.05 -10.17
N GLY A 9 -0.81 -3.03 -9.37
CA GLY A 9 -1.80 -2.11 -8.83
C GLY A 9 -2.17 -2.29 -7.36
N GLU A 10 -1.36 -3.01 -6.57
CA GLU A 10 -1.53 -3.20 -5.13
C GLU A 10 -0.25 -2.85 -4.38
N CYS A 11 -0.33 -2.35 -3.14
CA CYS A 11 0.80 -1.87 -2.36
C CYS A 11 1.24 -2.91 -1.31
N GLN A 12 2.55 -3.08 -1.13
CA GLN A 12 3.16 -4.06 -0.22
C GLN A 12 3.98 -3.43 0.91
N GLU A 13 4.05 -4.09 2.06
CA GLU A 13 4.80 -3.66 3.25
C GLU A 13 6.17 -4.32 3.28
N ASN A 14 7.22 -3.56 3.57
CA ASN A 14 8.62 -3.99 3.58
C ASN A 14 9.08 -4.49 4.94
N THR A 15 8.43 -5.54 5.45
CA THR A 15 8.74 -6.24 6.71
C THR A 15 8.34 -7.71 6.63
N SER A 16 7.07 -8.00 6.32
CA SER A 16 6.50 -9.33 6.16
C SER A 16 6.14 -9.68 4.73
N GLY A 17 5.73 -8.72 3.89
CA GLY A 17 5.31 -8.93 2.52
C GLY A 17 3.82 -9.15 2.36
N VAL A 18 2.99 -8.31 2.96
CA VAL A 18 1.52 -8.36 2.91
C VAL A 18 0.99 -7.43 1.82
N LYS A 19 0.05 -7.90 0.99
CA LYS A 19 -0.54 -7.18 -0.14
C LYS A 19 -1.89 -6.59 0.26
N LEU A 20 -2.13 -5.30 -0.02
CA LEU A 20 -3.33 -4.55 0.34
C LEU A 20 -3.82 -3.57 -0.73
N PHE A 21 -5.05 -3.07 -0.61
CA PHE A 21 -5.66 -2.08 -1.47
C PHE A 21 -5.71 -0.73 -0.76
N CYS A 22 -5.48 0.37 -1.48
CA CYS A 22 -5.42 1.73 -0.94
C CYS A 22 -6.67 2.56 -1.23
N THR A 23 -7.18 3.30 -0.25
CA THR A 23 -8.31 4.22 -0.35
C THR A 23 -7.81 5.66 -0.29
N SER A 24 -8.48 6.60 -0.97
CA SER A 24 -8.16 8.01 -1.13
C SER A 24 -7.11 8.31 -2.19
N GLY A 25 -5.95 7.65 -2.15
CA GLY A 25 -4.88 7.79 -3.12
C GLY A 25 -5.03 6.89 -4.34
N SER A 26 -3.94 6.66 -5.08
CA SER A 26 -3.89 5.80 -6.25
C SER A 26 -2.65 4.92 -6.25
N CYS A 27 -2.81 3.59 -6.23
CA CYS A 27 -1.73 2.60 -6.29
C CYS A 27 -1.51 2.01 -7.68
N ALA A 28 -2.03 2.61 -8.75
CA ALA A 28 -1.93 2.10 -10.12
C ALA A 28 -0.63 2.53 -10.78
N LYS A 29 0.44 1.76 -10.55
CA LYS A 29 1.80 1.93 -11.06
C LYS A 29 2.46 3.21 -10.56
N LYS A 30 3.12 3.19 -9.40
CA LYS A 30 3.76 4.33 -8.76
C LYS A 30 5.24 4.09 -8.46
N GLU A 31 5.56 3.11 -7.62
CA GLU A 31 6.90 2.75 -7.15
C GLU A 31 7.72 3.91 -6.58
N GLY A 32 7.70 4.09 -5.26
CA GLY A 32 8.36 5.17 -4.55
C GLY A 32 7.45 6.29 -4.08
N GLN A 33 6.24 6.00 -3.63
CA GLN A 33 5.28 6.93 -3.04
C GLN A 33 5.38 6.97 -1.52
N ALA A 34 5.44 5.82 -0.85
CA ALA A 34 5.45 5.61 0.60
C ALA A 34 4.04 5.69 1.18
N CYS A 35 3.31 4.57 1.17
CA CYS A 35 1.93 4.44 1.63
C CYS A 35 1.88 3.67 2.95
N THR A 36 1.03 4.08 3.89
CA THR A 36 0.93 3.54 5.25
C THR A 36 -0.24 2.58 5.40
N ARG A 37 -0.13 1.57 6.28
CA ARG A 37 -1.10 0.51 6.50
C ARG A 37 -2.14 0.84 7.57
N ASN A 38 -3.36 0.31 7.43
CA ASN A 38 -4.49 0.48 8.36
C ASN A 38 -5.35 -0.78 8.41
N GLY A 39 -5.26 -1.57 9.48
CA GLY A 39 -6.05 -2.77 9.71
C GLY A 39 -5.62 -3.98 8.89
N PRO A 40 -4.43 -4.57 9.10
CA PRO A 40 -3.92 -5.70 8.31
C PRO A 40 -4.44 -7.07 8.75
N GLY A 41 -4.79 -7.93 7.78
CA GLY A 41 -5.33 -9.26 8.02
C GLY A 41 -6.84 -9.34 7.85
N SER A 42 -7.59 -8.42 8.46
CA SER A 42 -9.05 -8.37 8.45
C SER A 42 -9.61 -7.38 7.43
N SER A 43 -9.08 -6.17 7.36
CA SER A 43 -9.56 -5.08 6.49
C SER A 43 -8.71 -4.93 5.23
N ASN A 44 -7.39 -4.75 5.35
CA ASN A 44 -6.42 -4.55 4.28
C ASN A 44 -6.62 -3.23 3.52
N SER A 45 -6.63 -2.12 4.26
CA SER A 45 -6.85 -0.76 3.76
C SER A 45 -5.65 0.16 4.05
N ALA A 46 -5.27 1.02 3.10
CA ALA A 46 -4.13 1.94 3.22
C ALA A 46 -4.44 3.38 2.80
N SER A 47 -3.76 4.35 3.41
CA SER A 47 -3.88 5.79 3.12
C SER A 47 -2.55 6.30 2.56
N CYS A 48 -2.55 6.86 1.35
CA CYS A 48 -1.36 7.28 0.61
C CYS A 48 -1.27 8.81 0.48
N PRO A 49 -0.12 9.48 0.67
CA PRO A 49 0.01 10.93 0.45
C PRO A 49 0.17 11.30 -1.03
N LYS A 50 -0.57 12.29 -1.51
CA LYS A 50 -0.59 12.74 -2.91
C LYS A 50 -0.60 14.26 -3.04
N PCA A 1 5.90 3.18 10.02
CA PCA A 1 5.23 2.46 8.94
CB PCA A 1 3.77 2.46 9.41
CG PCA A 1 3.91 2.56 10.89
CD PCA A 1 5.11 3.25 11.08
OE PCA A 1 5.39 3.85 12.13
C PCA A 1 5.43 3.12 7.58
O PCA A 1 5.13 4.31 7.45
H PCA A 1 6.80 3.54 9.95
HA PCA A 1 5.57 1.43 8.95
HB2 PCA A 1 3.29 1.53 9.14
HB3 PCA A 1 3.20 3.31 9.03
HG2 PCA A 1 3.91 1.56 11.29
HG3 PCA A 1 3.01 3.05 11.25
N GLU A 2 5.99 2.39 6.60
CA GLU A 2 6.20 2.84 5.23
C GLU A 2 6.32 1.69 4.23
N GLY A 3 5.51 1.68 3.17
CA GLY A 3 5.53 0.67 2.12
C GLY A 3 5.59 1.23 0.70
N LYS A 4 6.07 0.45 -0.26
CA LYS A 4 6.21 0.82 -1.67
C LYS A 4 5.18 0.08 -2.53
N CYS A 5 4.68 0.73 -3.58
CA CYS A 5 3.62 0.25 -4.46
C CYS A 5 4.17 -0.32 -5.77
N THR A 6 3.53 -1.36 -6.31
CA THR A 6 4.02 -2.19 -7.41
C THR A 6 3.26 -1.98 -8.72
N ALA A 7 3.83 -2.44 -9.83
CA ALA A 7 3.31 -2.32 -11.19
C ALA A 7 1.95 -2.97 -11.48
N LYS A 8 1.55 -4.01 -10.75
CA LYS A 8 0.25 -4.67 -10.86
C LYS A 8 -0.95 -3.88 -10.33
N GLY A 9 -0.73 -2.91 -9.44
CA GLY A 9 -1.76 -2.06 -8.85
C GLY A 9 -2.10 -2.34 -7.39
N GLU A 10 -1.21 -2.96 -6.62
CA GLU A 10 -1.32 -3.19 -5.17
C GLU A 10 -0.06 -2.72 -4.46
N CYS A 11 -0.15 -2.35 -3.18
CA CYS A 11 0.95 -1.81 -2.39
C CYS A 11 1.47 -2.84 -1.38
N GLN A 12 2.79 -3.05 -1.32
CA GLN A 12 3.47 -4.04 -0.49
C GLN A 12 4.15 -3.45 0.75
N GLU A 13 4.23 -4.23 1.82
CA GLU A 13 4.84 -3.88 3.11
C GLU A 13 6.31 -4.32 3.15
N ASN A 14 7.19 -3.49 3.71
CA ASN A 14 8.63 -3.74 3.80
C ASN A 14 9.08 -4.66 4.94
N THR A 15 8.20 -5.17 5.79
CA THR A 15 8.52 -5.99 6.96
C THR A 15 8.35 -7.48 6.61
N SER A 16 7.18 -7.88 6.10
CA SER A 16 6.83 -9.25 5.72
C SER A 16 6.54 -9.45 4.24
N GLY A 17 6.07 -8.44 3.51
CA GLY A 17 5.71 -8.54 2.10
C GLY A 17 4.25 -8.89 1.86
N VAL A 18 3.32 -8.20 2.53
CA VAL A 18 1.88 -8.39 2.43
C VAL A 18 1.27 -7.40 1.42
N LYS A 19 0.32 -7.84 0.60
CA LYS A 19 -0.30 -7.09 -0.48
C LYS A 19 -1.71 -6.65 -0.12
N LEU A 20 -2.01 -5.35 -0.16
CA LEU A 20 -3.29 -4.73 0.20
C LEU A 20 -3.74 -3.59 -0.70
N PHE A 21 -4.99 -3.15 -0.60
CA PHE A 21 -5.59 -2.05 -1.36
C PHE A 21 -5.41 -0.72 -0.63
N CYS A 22 -5.40 0.39 -1.37
CA CYS A 22 -5.16 1.73 -0.86
C CYS A 22 -6.32 2.70 -1.11
N THR A 23 -6.83 3.37 -0.07
CA THR A 23 -7.96 4.30 -0.14
C THR A 23 -7.44 5.74 -0.06
N SER A 24 -7.96 6.64 -0.90
CA SER A 24 -7.61 8.05 -1.03
C SER A 24 -6.13 8.26 -1.36
N GLY A 25 -5.70 7.76 -2.52
CA GLY A 25 -4.31 7.77 -2.96
C GLY A 25 -4.02 7.27 -4.36
N SER A 26 -4.65 6.15 -4.76
CA SER A 26 -4.51 5.45 -6.04
C SER A 26 -3.24 4.60 -6.10
N CYS A 27 -3.37 3.29 -6.30
CA CYS A 27 -2.26 2.33 -6.35
C CYS A 27 -1.66 2.13 -7.74
N ALA A 28 -2.28 2.60 -8.83
CA ALA A 28 -1.90 2.34 -10.21
C ALA A 28 -0.51 2.86 -10.60
N LYS A 29 0.50 1.99 -10.46
CA LYS A 29 1.90 2.16 -10.84
C LYS A 29 2.58 3.39 -10.23
N LYS A 30 3.30 3.24 -9.11
CA LYS A 30 4.00 4.31 -8.42
C LYS A 30 5.45 3.96 -8.12
N GLU A 31 5.73 3.07 -7.16
CA GLU A 31 7.06 2.65 -6.68
C GLU A 31 7.90 3.82 -6.17
N GLY A 32 7.93 4.03 -4.85
CA GLY A 32 8.66 5.10 -4.19
C GLY A 32 7.81 6.28 -3.73
N GLN A 33 6.58 6.05 -3.24
CA GLN A 33 5.70 7.05 -2.66
C GLN A 33 5.73 7.05 -1.13
N ALA A 34 5.79 5.90 -0.47
CA ALA A 34 5.76 5.67 0.97
C ALA A 34 4.32 5.73 1.51
N CYS A 35 3.61 4.61 1.44
CA CYS A 35 2.20 4.46 1.84
C CYS A 35 2.11 3.73 3.17
N THR A 36 1.24 4.18 4.08
CA THR A 36 1.12 3.68 5.45
C THR A 36 0.03 2.60 5.58
N ARG A 37 0.21 1.64 6.47
CA ARG A 37 -0.62 0.43 6.62
C ARG A 37 -1.70 0.59 7.68
N ASN A 38 -2.94 0.13 7.43
CA ASN A 38 -4.07 0.21 8.35
C ASN A 38 -4.97 -1.03 8.27
N GLY A 39 -5.23 -1.72 9.38
CA GLY A 39 -6.16 -2.83 9.48
C GLY A 39 -5.78 -4.09 8.73
N PRO A 40 -4.74 -4.86 9.12
CA PRO A 40 -4.29 -6.04 8.37
C PRO A 40 -5.11 -7.30 8.61
N GLY A 41 -5.48 -8.02 7.55
CA GLY A 41 -6.27 -9.23 7.60
C GLY A 41 -7.75 -9.01 7.33
N SER A 42 -8.39 -8.11 8.06
CA SER A 42 -9.83 -7.81 7.98
C SER A 42 -10.16 -6.70 7.00
N SER A 43 -9.44 -5.57 7.02
CA SER A 43 -9.73 -4.38 6.21
C SER A 43 -8.90 -4.35 4.93
N ASN A 44 -7.57 -4.42 5.02
CA ASN A 44 -6.60 -4.29 3.92
C ASN A 44 -6.63 -2.91 3.26
N SER A 45 -6.48 -1.86 4.08
CA SER A 45 -6.56 -0.45 3.70
C SER A 45 -5.27 0.31 4.00
N ALA A 46 -4.83 1.18 3.09
CA ALA A 46 -3.62 2.01 3.24
C ALA A 46 -3.83 3.45 2.76
N SER A 47 -3.31 4.43 3.49
CA SER A 47 -3.41 5.85 3.18
C SER A 47 -2.11 6.32 2.52
N CYS A 48 -2.17 6.75 1.26
CA CYS A 48 -1.04 7.17 0.43
C CYS A 48 -1.04 8.69 0.21
N PRO A 49 0.10 9.41 0.18
CA PRO A 49 0.12 10.85 -0.10
C PRO A 49 0.06 11.19 -1.59
N LYS A 50 -1.00 11.86 -2.04
CA LYS A 50 -1.26 12.23 -3.43
C LYS A 50 -1.11 13.73 -3.64
N PCA A 1 4.47 0.45 9.47
CA PCA A 1 4.70 1.88 9.44
CB PCA A 1 6.08 2.00 10.10
CG PCA A 1 6.14 0.78 10.94
CD PCA A 1 5.33 -0.15 10.29
OE PCA A 1 5.42 -1.36 10.47
C PCA A 1 4.60 2.48 8.04
O PCA A 1 3.77 3.37 7.85
H PCA A 1 3.76 0.01 8.96
HA PCA A 1 3.98 2.35 10.10
HB2 PCA A 1 6.13 2.89 10.70
HB3 PCA A 1 6.88 2.02 9.36
HG2 PCA A 1 5.81 1.05 11.93
HG3 PCA A 1 7.19 0.53 11.02
N GLU A 2 5.39 2.00 7.08
CA GLU A 2 5.41 2.44 5.68
C GLU A 2 5.69 1.31 4.70
N GLY A 3 4.89 1.17 3.64
CA GLY A 3 5.08 0.20 2.58
C GLY A 3 5.35 0.81 1.20
N LYS A 4 6.01 0.06 0.32
CA LYS A 4 6.38 0.47 -1.04
C LYS A 4 5.46 -0.20 -2.05
N CYS A 5 4.92 0.55 -3.03
CA CYS A 5 3.93 0.08 -3.98
C CYS A 5 4.53 -0.48 -5.27
N THR A 6 3.83 -1.38 -5.95
CA THR A 6 4.27 -2.10 -7.15
C THR A 6 3.47 -1.72 -8.40
N ALA A 7 4.05 -1.94 -9.58
CA ALA A 7 3.51 -1.61 -10.89
C ALA A 7 2.19 -2.26 -11.29
N LYS A 8 1.84 -3.44 -10.77
CA LYS A 8 0.58 -4.14 -11.02
C LYS A 8 -0.67 -3.53 -10.37
N GLY A 9 -0.51 -2.72 -9.33
CA GLY A 9 -1.59 -2.02 -8.64
C GLY A 9 -1.94 -2.50 -7.24
N GLU A 10 -1.01 -3.09 -6.49
CA GLU A 10 -1.13 -3.47 -5.09
C GLU A 10 0.05 -2.95 -4.26
N CYS A 11 -0.18 -2.40 -3.07
CA CYS A 11 0.87 -1.82 -2.22
C CYS A 11 1.29 -2.81 -1.14
N GLN A 12 2.59 -3.08 -1.00
CA GLN A 12 3.17 -4.09 -0.13
C GLN A 12 4.03 -3.54 1.02
N GLU A 13 4.18 -4.32 2.10
CA GLU A 13 5.02 -3.99 3.25
C GLU A 13 6.46 -4.46 3.05
N ASN A 14 7.42 -3.68 3.55
CA ASN A 14 8.87 -3.89 3.39
C ASN A 14 9.49 -4.99 4.24
N THR A 15 8.81 -5.50 5.28
CA THR A 15 9.33 -6.48 6.24
C THR A 15 8.83 -7.89 5.93
N SER A 16 7.52 -8.07 5.72
CA SER A 16 6.88 -9.35 5.44
C SER A 16 6.53 -9.54 3.97
N GLY A 17 5.99 -8.51 3.30
CA GLY A 17 5.58 -8.55 1.91
C GLY A 17 4.14 -8.97 1.69
N VAL A 18 3.19 -8.40 2.45
CA VAL A 18 1.76 -8.63 2.34
C VAL A 18 1.12 -7.52 1.49
N LYS A 19 0.20 -7.88 0.59
CA LYS A 19 -0.44 -6.99 -0.37
C LYS A 19 -1.82 -6.53 0.09
N LEU A 20 -2.12 -5.23 -0.03
CA LEU A 20 -3.38 -4.59 0.35
C LEU A 20 -3.88 -3.55 -0.66
N PHE A 21 -5.14 -3.13 -0.53
CA PHE A 21 -5.80 -2.17 -1.41
C PHE A 21 -5.69 -0.74 -0.87
N CYS A 22 -5.66 0.25 -1.77
CA CYS A 22 -5.48 1.67 -1.46
C CYS A 22 -6.83 2.40 -1.52
N THR A 23 -7.19 3.14 -0.47
CA THR A 23 -8.36 4.01 -0.41
C THR A 23 -7.89 5.46 -0.27
N SER A 24 -8.45 6.39 -1.07
CA SER A 24 -8.09 7.81 -1.16
C SER A 24 -6.59 8.08 -1.32
N GLY A 25 -6.01 7.56 -2.40
CA GLY A 25 -4.59 7.65 -2.69
C GLY A 25 -4.08 6.82 -3.86
N SER A 26 -4.68 5.67 -4.15
CA SER A 26 -4.44 4.77 -5.27
C SER A 26 -3.09 4.05 -5.28
N CYS A 27 -3.07 2.79 -5.72
CA CYS A 27 -1.89 1.93 -5.82
C CYS A 27 -1.29 1.89 -7.22
N ALA A 28 -2.05 2.05 -8.30
CA ALA A 28 -1.67 1.85 -9.69
C ALA A 28 -0.43 2.63 -10.17
N LYS A 29 0.67 1.92 -10.42
CA LYS A 29 1.94 2.38 -10.98
C LYS A 29 2.56 3.58 -10.27
N LYS A 30 3.22 3.36 -9.14
CA LYS A 30 3.92 4.39 -8.35
C LYS A 30 5.40 4.07 -8.20
N GLU A 31 5.79 3.10 -7.38
CA GLU A 31 7.16 2.70 -7.06
C GLU A 31 8.03 3.85 -6.54
N GLY A 32 7.82 4.23 -5.28
CA GLY A 32 8.51 5.33 -4.62
C GLY A 32 7.60 6.44 -4.12
N GLN A 33 6.53 6.11 -3.40
CA GLN A 33 5.60 7.03 -2.75
C GLN A 33 5.63 6.91 -1.22
N ALA A 34 5.63 5.69 -0.66
CA ALA A 34 5.53 5.36 0.76
C ALA A 34 4.11 5.56 1.28
N CYS A 35 3.36 4.47 1.50
CA CYS A 35 1.95 4.46 1.87
C CYS A 35 1.75 3.87 3.26
N THR A 36 0.79 4.38 4.02
CA THR A 36 0.46 3.94 5.38
C THR A 36 -0.80 3.07 5.39
N ARG A 37 -0.88 2.09 6.28
CA ARG A 37 -1.90 1.04 6.32
C ARG A 37 -2.65 0.90 7.65
N ASN A 38 -3.90 0.43 7.58
CA ASN A 38 -4.77 0.16 8.72
C ASN A 38 -5.44 -1.20 8.57
N GLY A 39 -5.22 -2.12 9.53
CA GLY A 39 -5.82 -3.44 9.58
C GLY A 39 -5.30 -4.43 8.56
N PRO A 40 -3.99 -4.75 8.47
CA PRO A 40 -3.42 -5.60 7.42
C PRO A 40 -3.82 -7.08 7.38
N GLY A 41 -4.47 -7.62 8.42
CA GLY A 41 -4.91 -9.00 8.49
C GLY A 41 -6.29 -9.24 7.90
N SER A 42 -7.30 -8.48 8.33
CA SER A 42 -8.70 -8.60 7.93
C SER A 42 -9.18 -7.47 7.03
N SER A 43 -8.84 -6.21 7.29
CA SER A 43 -9.32 -5.04 6.58
C SER A 43 -8.60 -4.78 5.26
N ASN A 44 -7.29 -4.58 5.27
CA ASN A 44 -6.42 -4.30 4.11
C ASN A 44 -6.75 -2.98 3.40
N SER A 45 -6.72 -1.88 4.15
CA SER A 45 -6.98 -0.52 3.66
C SER A 45 -5.83 0.43 3.97
N ALA A 46 -5.35 1.19 2.99
CA ALA A 46 -4.22 2.12 3.12
C ALA A 46 -4.47 3.50 2.52
N SER A 47 -3.89 4.54 3.11
CA SER A 47 -4.01 5.94 2.68
C SER A 47 -2.66 6.44 2.15
N CYS A 48 -2.60 6.85 0.88
CA CYS A 48 -1.39 7.28 0.18
C CYS A 48 -1.41 8.77 -0.13
N PRO A 49 -0.30 9.54 -0.05
CA PRO A 49 -0.26 10.95 -0.45
C PRO A 49 -0.03 11.12 -1.96
N LYS A 50 -1.02 11.61 -2.70
CA LYS A 50 -1.00 11.79 -4.15
C LYS A 50 -0.84 13.26 -4.52
N PCA A 1 4.46 1.82 10.18
CA PCA A 1 4.97 0.98 9.11
CB PCA A 1 4.39 -0.39 9.46
CG PCA A 1 4.22 -0.29 10.93
CD PCA A 1 4.00 1.08 11.17
OE PCA A 1 3.45 1.49 12.19
C PCA A 1 4.57 1.49 7.72
O PCA A 1 3.37 1.71 7.50
H PCA A 1 4.46 2.80 10.15
HA PCA A 1 6.05 0.92 9.20
HB2 PCA A 1 5.08 -1.17 9.21
HB3 PCA A 1 3.44 -0.58 8.98
HG2 PCA A 1 5.11 -0.68 11.40
HG3 PCA A 1 3.41 -0.95 11.20
N GLU A 2 5.53 1.68 6.81
CA GLU A 2 5.35 2.20 5.47
C GLU A 2 5.78 1.19 4.41
N GLY A 3 4.91 0.85 3.46
CA GLY A 3 5.17 -0.06 2.35
C GLY A 3 5.10 0.59 0.99
N LYS A 4 5.86 0.08 0.01
CA LYS A 4 6.00 0.66 -1.33
C LYS A 4 5.03 0.03 -2.33
N CYS A 5 4.67 0.78 -3.38
CA CYS A 5 3.62 0.45 -4.35
C CYS A 5 4.19 -0.07 -5.66
N THR A 6 3.52 -1.04 -6.29
CA THR A 6 4.03 -1.85 -7.40
C THR A 6 3.21 -1.73 -8.69
N ALA A 7 3.77 -2.20 -9.81
CA ALA A 7 3.22 -2.15 -11.16
C ALA A 7 1.87 -2.83 -11.39
N LYS A 8 1.52 -3.87 -10.64
CA LYS A 8 0.22 -4.55 -10.70
C LYS A 8 -0.99 -3.72 -10.28
N GLY A 9 -0.80 -2.71 -9.42
CA GLY A 9 -1.85 -1.88 -8.86
C GLY A 9 -2.15 -2.10 -7.38
N GLU A 10 -1.30 -2.77 -6.61
CA GLU A 10 -1.39 -2.94 -5.16
C GLU A 10 -0.09 -2.52 -4.48
N CYS A 11 -0.10 -2.25 -3.18
CA CYS A 11 1.04 -1.80 -2.39
C CYS A 11 1.47 -2.86 -1.37
N GLN A 12 2.77 -3.17 -1.30
CA GLN A 12 3.37 -4.20 -0.46
C GLN A 12 4.12 -3.63 0.75
N GLU A 13 4.19 -4.37 1.85
CA GLU A 13 4.88 -4.00 3.08
C GLU A 13 6.33 -4.47 3.04
N ASN A 14 7.30 -3.58 3.28
CA ASN A 14 8.74 -3.85 3.23
C ASN A 14 9.32 -4.76 4.32
N THR A 15 8.61 -5.02 5.41
CA THR A 15 9.05 -5.84 6.54
C THR A 15 8.40 -7.21 6.53
N SER A 16 7.08 -7.30 6.35
CA SER A 16 6.32 -8.55 6.33
C SER A 16 6.13 -9.11 4.92
N GLY A 17 5.79 -8.27 3.94
CA GLY A 17 5.56 -8.66 2.56
C GLY A 17 4.14 -9.06 2.24
N VAL A 18 3.16 -8.25 2.63
CA VAL A 18 1.72 -8.45 2.45
C VAL A 18 1.16 -7.45 1.44
N LYS A 19 0.33 -7.89 0.50
CA LYS A 19 -0.27 -7.10 -0.57
C LYS A 19 -1.66 -6.62 -0.17
N LEU A 20 -1.95 -5.32 -0.30
CA LEU A 20 -3.22 -4.68 0.05
C LEU A 20 -3.63 -3.54 -0.88
N PHE A 21 -4.89 -3.10 -0.81
CA PHE A 21 -5.45 -2.00 -1.59
C PHE A 21 -5.37 -0.66 -0.86
N CYS A 22 -5.49 0.46 -1.57
CA CYS A 22 -5.40 1.83 -1.04
C CYS A 22 -6.66 2.65 -1.29
N THR A 23 -7.15 3.39 -0.30
CA THR A 23 -8.28 4.31 -0.38
C THR A 23 -7.78 5.75 -0.32
N SER A 24 -8.24 6.63 -1.21
CA SER A 24 -7.84 8.03 -1.36
C SER A 24 -6.33 8.25 -1.47
N GLY A 25 -5.71 7.61 -2.47
CA GLY A 25 -4.27 7.60 -2.67
C GLY A 25 -3.79 7.26 -4.08
N SER A 26 -4.40 6.29 -4.75
CA SER A 26 -4.12 5.78 -6.09
C SER A 26 -2.91 4.84 -6.12
N CYS A 27 -3.15 3.54 -6.30
CA CYS A 27 -2.12 2.49 -6.33
C CYS A 27 -1.55 2.25 -7.73
N ALA A 28 -2.28 2.51 -8.82
CA ALA A 28 -1.90 2.26 -10.20
C ALA A 28 -0.54 2.83 -10.63
N LYS A 29 0.51 2.03 -10.54
CA LYS A 29 1.89 2.27 -10.94
C LYS A 29 2.51 3.54 -10.35
N LYS A 30 3.29 3.42 -9.27
CA LYS A 30 3.93 4.54 -8.58
C LYS A 30 5.44 4.35 -8.39
N GLU A 31 5.89 3.48 -7.48
CA GLU A 31 7.28 3.27 -7.07
C GLU A 31 7.90 4.52 -6.45
N GLY A 32 7.70 4.72 -5.14
CA GLY A 32 8.19 5.87 -4.38
C GLY A 32 7.12 6.83 -3.91
N GLN A 33 6.00 6.33 -3.37
CA GLN A 33 4.93 7.09 -2.73
C GLN A 33 4.82 6.72 -1.25
N ALA A 34 4.73 5.44 -0.91
CA ALA A 34 4.66 4.86 0.43
C ALA A 34 3.35 5.11 1.17
N CYS A 35 2.50 4.08 1.30
CA CYS A 35 1.24 4.12 2.04
C CYS A 35 1.38 3.41 3.39
N THR A 36 0.65 3.87 4.41
CA THR A 36 0.61 3.29 5.75
C THR A 36 -0.55 2.31 5.90
N ARG A 37 -0.47 1.38 6.85
CA ARG A 37 -1.38 0.24 7.00
C ARG A 37 -2.59 0.60 7.85
N ASN A 38 -3.81 0.29 7.39
CA ASN A 38 -5.07 0.51 8.09
C ASN A 38 -5.94 -0.74 8.05
N GLY A 39 -6.16 -1.41 9.19
CA GLY A 39 -6.96 -2.60 9.33
C GLY A 39 -6.28 -3.88 8.87
N PRO A 40 -5.20 -4.36 9.52
CA PRO A 40 -4.47 -5.56 9.11
C PRO A 40 -5.11 -6.88 9.55
N GLY A 41 -5.10 -7.89 8.69
CA GLY A 41 -5.69 -9.21 8.95
C GLY A 41 -7.07 -9.40 8.35
N SER A 42 -7.98 -8.44 8.49
CA SER A 42 -9.37 -8.52 8.06
C SER A 42 -9.77 -7.52 6.97
N SER A 43 -9.33 -6.26 7.02
CA SER A 43 -9.73 -5.21 6.09
C SER A 43 -8.78 -5.07 4.90
N ASN A 44 -7.47 -5.00 5.12
CA ASN A 44 -6.42 -4.81 4.11
C ASN A 44 -6.55 -3.55 3.26
N SER A 45 -6.59 -2.39 3.93
CA SER A 45 -6.69 -1.06 3.35
C SER A 45 -5.50 -0.17 3.73
N ALA A 46 -5.15 0.82 2.91
CA ALA A 46 -4.05 1.77 3.14
C ALA A 46 -4.33 3.19 2.67
N SER A 47 -3.51 4.17 3.09
CA SER A 47 -3.65 5.58 2.77
C SER A 47 -2.37 6.19 2.21
N CYS A 48 -2.46 6.90 1.08
CA CYS A 48 -1.40 7.71 0.46
C CYS A 48 -1.85 9.16 0.26
N PRO A 49 -0.95 10.17 0.20
CA PRO A 49 -1.33 11.58 0.07
C PRO A 49 -1.62 12.11 -1.33
N LYS A 50 -1.65 11.26 -2.37
CA LYS A 50 -1.94 11.56 -3.77
C LYS A 50 -0.93 12.50 -4.43
N PCA A 1 10.26 1.69 7.89
CA PCA A 1 9.16 2.64 7.90
CB PCA A 1 9.84 3.91 8.43
CG PCA A 1 10.95 3.35 9.25
CD PCA A 1 11.26 2.13 8.63
OE PCA A 1 12.34 1.57 8.78
C PCA A 1 8.51 2.82 6.53
O PCA A 1 9.23 3.05 5.56
H PCA A 1 10.23 0.83 7.42
HA PCA A 1 8.43 2.33 8.64
HB2 PCA A 1 9.15 4.46 9.05
HB3 PCA A 1 10.22 4.54 7.64
HG2 PCA A 1 10.60 3.26 10.26
HG3 PCA A 1 11.73 4.10 9.25
N GLU A 2 7.19 2.71 6.44
CA GLU A 2 6.35 2.88 5.25
C GLU A 2 6.51 1.77 4.20
N GLY A 3 5.48 1.51 3.39
CA GLY A 3 5.49 0.51 2.34
C GLY A 3 5.52 1.09 0.94
N LYS A 4 6.19 0.42 0.00
CA LYS A 4 6.37 0.83 -1.39
C LYS A 4 5.38 0.12 -2.32
N CYS A 5 4.98 0.80 -3.41
CA CYS A 5 3.97 0.36 -4.36
C CYS A 5 4.53 -0.46 -5.53
N THR A 6 3.72 -1.35 -6.10
CA THR A 6 4.09 -2.31 -7.14
C THR A 6 3.36 -2.05 -8.46
N ALA A 7 3.96 -2.49 -9.57
CA ALA A 7 3.51 -2.27 -10.95
C ALA A 7 2.14 -2.84 -11.35
N LYS A 8 1.63 -3.87 -10.67
CA LYS A 8 0.33 -4.48 -10.93
C LYS A 8 -0.89 -3.66 -10.49
N GLY A 9 -0.73 -2.71 -9.57
CA GLY A 9 -1.81 -1.90 -9.01
C GLY A 9 -2.15 -2.16 -7.55
N GLU A 10 -1.24 -2.71 -6.75
CA GLU A 10 -1.33 -2.82 -5.29
C GLU A 10 -0.06 -2.27 -4.63
N CYS A 11 -0.05 -2.09 -3.32
CA CYS A 11 1.10 -1.59 -2.56
C CYS A 11 1.49 -2.54 -1.43
N GLN A 12 2.79 -2.74 -1.19
CA GLN A 12 3.36 -3.70 -0.25
C GLN A 12 4.13 -3.07 0.91
N GLU A 13 4.17 -3.76 2.05
CA GLU A 13 4.87 -3.34 3.28
C GLU A 13 6.24 -4.00 3.35
N ASN A 14 7.25 -3.28 3.86
CA ASN A 14 8.65 -3.69 3.93
C ASN A 14 9.02 -4.67 5.03
N THR A 15 8.14 -5.00 5.98
CA THR A 15 8.41 -5.84 7.14
C THR A 15 8.16 -7.32 6.82
N SER A 16 6.96 -7.66 6.35
CA SER A 16 6.54 -9.01 5.99
C SER A 16 6.38 -9.21 4.48
N GLY A 17 5.94 -8.21 3.72
CA GLY A 17 5.69 -8.30 2.30
C GLY A 17 4.25 -8.67 1.96
N VAL A 18 3.27 -7.98 2.56
CA VAL A 18 1.84 -8.19 2.38
C VAL A 18 1.30 -7.21 1.34
N LYS A 19 0.44 -7.67 0.41
CA LYS A 19 -0.13 -6.91 -0.69
C LYS A 19 -1.55 -6.47 -0.37
N LEU A 20 -1.88 -5.19 -0.58
CA LEU A 20 -3.13 -4.54 -0.19
C LEU A 20 -3.68 -3.54 -1.23
N PHE A 21 -4.94 -3.13 -1.07
CA PHE A 21 -5.60 -2.10 -1.86
C PHE A 21 -5.54 -0.73 -1.18
N CYS A 22 -5.76 0.37 -1.91
CA CYS A 22 -5.60 1.74 -1.45
C CYS A 22 -6.94 2.44 -1.25
N THR A 23 -7.05 3.27 -0.22
CA THR A 23 -8.16 4.19 0.03
C THR A 23 -7.64 5.61 0.16
N SER A 24 -8.22 6.59 -0.53
CA SER A 24 -7.83 8.00 -0.59
C SER A 24 -6.35 8.24 -0.90
N GLY A 25 -5.89 7.72 -2.04
CA GLY A 25 -4.50 7.81 -2.46
C GLY A 25 -4.17 7.20 -3.82
N SER A 26 -4.73 6.04 -4.15
CA SER A 26 -4.56 5.27 -5.39
C SER A 26 -3.24 4.50 -5.46
N CYS A 27 -3.27 3.24 -5.90
CA CYS A 27 -2.12 2.36 -6.07
C CYS A 27 -1.59 2.32 -7.49
N ALA A 28 -2.38 2.58 -8.53
CA ALA A 28 -2.08 2.37 -9.95
C ALA A 28 -0.77 2.97 -10.47
N LYS A 29 0.29 2.16 -10.46
CA LYS A 29 1.64 2.41 -10.98
C LYS A 29 2.28 3.68 -10.42
N LYS A 30 3.04 3.57 -9.33
CA LYS A 30 3.69 4.67 -8.63
C LYS A 30 5.18 4.44 -8.37
N GLU A 31 5.55 3.54 -7.45
CA GLU A 31 6.90 3.26 -6.99
C GLU A 31 7.54 4.47 -6.31
N GLY A 32 7.34 4.62 -4.99
CA GLY A 32 7.85 5.72 -4.19
C GLY A 32 6.79 6.74 -3.77
N GLN A 33 5.63 6.29 -3.31
CA GLN A 33 4.54 7.11 -2.76
C GLN A 33 4.39 7.00 -1.25
N ALA A 34 4.67 5.85 -0.64
CA ALA A 34 4.60 5.55 0.80
C ALA A 34 3.17 5.31 1.29
N CYS A 35 2.78 4.05 1.49
CA CYS A 35 1.49 3.62 2.03
C CYS A 35 1.66 2.91 3.37
N THR A 36 0.77 3.17 4.34
CA THR A 36 0.74 2.56 5.67
C THR A 36 -0.46 1.62 5.80
N ARG A 37 -0.34 0.55 6.59
CA ARG A 37 -1.30 -0.55 6.69
C ARG A 37 -2.40 -0.23 7.70
N ASN A 38 -3.67 -0.36 7.30
CA ASN A 38 -4.87 -0.07 8.10
C ASN A 38 -5.90 -1.19 7.97
N GLY A 39 -6.33 -1.79 9.07
CA GLY A 39 -7.37 -2.81 9.12
C GLY A 39 -6.84 -4.22 8.87
N PRO A 40 -6.05 -4.84 9.77
CA PRO A 40 -5.41 -6.14 9.53
C PRO A 40 -6.32 -7.35 9.73
N GLY A 41 -6.22 -8.35 8.84
CA GLY A 41 -6.97 -9.59 8.91
C GLY A 41 -8.21 -9.62 8.02
N SER A 42 -9.07 -8.61 8.11
CA SER A 42 -10.36 -8.54 7.42
C SER A 42 -10.42 -7.50 6.30
N SER A 43 -9.84 -6.31 6.45
CA SER A 43 -9.97 -5.20 5.52
C SER A 43 -8.91 -5.19 4.42
N ASN A 44 -7.61 -5.16 4.77
CA ASN A 44 -6.46 -5.06 3.87
C ASN A 44 -6.46 -3.76 3.06
N SER A 45 -6.44 -2.62 3.74
CA SER A 45 -6.50 -1.27 3.18
C SER A 45 -5.30 -0.42 3.60
N ALA A 46 -4.93 0.58 2.80
CA ALA A 46 -3.84 1.51 3.08
C ALA A 46 -4.10 2.96 2.67
N SER A 47 -3.37 3.90 3.27
CA SER A 47 -3.45 5.34 3.02
C SER A 47 -2.15 5.86 2.42
N CYS A 48 -2.20 6.45 1.23
CA CYS A 48 -1.10 7.06 0.50
C CYS A 48 -1.33 8.57 0.33
N PRO A 49 -0.33 9.48 0.42
CA PRO A 49 -0.52 10.91 0.18
C PRO A 49 -0.47 11.28 -1.30
N LYS A 50 -1.51 11.94 -1.82
CA LYS A 50 -1.66 12.30 -3.23
C LYS A 50 -1.31 13.77 -3.47
N PCA A 1 4.64 1.33 10.05
CA PCA A 1 5.66 1.11 9.03
CB PCA A 1 5.79 -0.41 9.02
CG PCA A 1 5.36 -0.78 10.40
CD PCA A 1 4.47 0.24 10.77
OE PCA A 1 3.62 0.08 11.66
C PCA A 1 5.29 1.70 7.67
O PCA A 1 4.13 1.58 7.27
H PCA A 1 4.17 2.18 10.16
HA PCA A 1 6.60 1.53 9.39
HB2 PCA A 1 6.83 -0.69 8.86
HB3 PCA A 1 5.16 -0.89 8.29
HG2 PCA A 1 6.25 -0.83 11.01
HG3 PCA A 1 4.96 -1.78 10.33
N GLU A 2 6.25 2.28 6.95
CA GLU A 2 6.09 2.88 5.63
C GLU A 2 6.55 1.90 4.56
N GLY A 3 5.70 1.57 3.58
CA GLY A 3 6.00 0.64 2.51
C GLY A 3 6.02 1.23 1.11
N LYS A 4 6.29 0.39 0.11
CA LYS A 4 6.41 0.74 -1.30
C LYS A 4 5.31 0.11 -2.15
N CYS A 5 4.93 0.76 -3.25
CA CYS A 5 3.90 0.33 -4.19
C CYS A 5 4.49 -0.31 -5.44
N THR A 6 3.76 -1.22 -6.09
CA THR A 6 4.22 -2.07 -7.19
C THR A 6 3.47 -1.82 -8.50
N ALA A 7 4.07 -2.22 -9.62
CA ALA A 7 3.57 -2.06 -10.99
C ALA A 7 2.24 -2.74 -11.33
N LYS A 8 1.83 -3.79 -10.62
CA LYS A 8 0.55 -4.48 -10.79
C LYS A 8 -0.68 -3.71 -10.30
N GLY A 9 -0.54 -2.75 -9.39
CA GLY A 9 -1.60 -1.94 -8.83
C GLY A 9 -1.98 -2.23 -7.39
N GLU A 10 -1.10 -2.84 -6.58
CA GLU A 10 -1.24 -3.04 -5.14
C GLU A 10 0.00 -2.53 -4.41
N CYS A 11 -0.07 -2.25 -3.11
CA CYS A 11 1.02 -1.72 -2.30
C CYS A 11 1.42 -2.69 -1.18
N GLN A 12 2.71 -2.98 -1.02
CA GLN A 12 3.26 -3.98 -0.11
C GLN A 12 4.06 -3.39 1.06
N GLU A 13 4.14 -4.13 2.16
CA GLU A 13 4.90 -3.78 3.37
C GLU A 13 6.26 -4.48 3.34
N ASN A 14 7.36 -3.75 3.56
CA ASN A 14 8.74 -4.17 3.35
C ASN A 14 9.30 -5.33 4.18
N THR A 15 8.81 -5.60 5.39
CA THR A 15 9.35 -6.59 6.30
C THR A 15 8.65 -7.95 6.19
N SER A 16 7.32 -7.98 6.24
CA SER A 16 6.50 -9.18 6.13
C SER A 16 6.17 -9.55 4.69
N GLY A 17 5.79 -8.58 3.87
CA GLY A 17 5.48 -8.75 2.46
C GLY A 17 4.02 -9.06 2.18
N VAL A 18 3.09 -8.31 2.78
CA VAL A 18 1.64 -8.43 2.61
C VAL A 18 1.15 -7.38 1.61
N LYS A 19 0.29 -7.77 0.66
CA LYS A 19 -0.23 -6.93 -0.41
C LYS A 19 -1.68 -6.51 -0.14
N LEU A 20 -2.00 -5.23 -0.26
CA LEU A 20 -3.30 -4.64 0.10
C LEU A 20 -3.74 -3.49 -0.80
N PHE A 21 -5.03 -3.13 -0.77
CA PHE A 21 -5.66 -2.10 -1.61
C PHE A 21 -5.63 -0.71 -0.99
N CYS A 22 -5.80 0.35 -1.80
CA CYS A 22 -5.69 1.75 -1.42
C CYS A 22 -7.06 2.38 -1.18
N THR A 23 -7.24 3.07 -0.05
CA THR A 23 -8.40 3.89 0.27
C THR A 23 -7.97 5.36 0.37
N SER A 24 -8.73 6.30 -0.21
CA SER A 24 -8.42 7.72 -0.35
C SER A 24 -7.09 8.07 -1.03
N GLY A 25 -6.58 7.19 -1.89
CA GLY A 25 -5.32 7.35 -2.61
C GLY A 25 -5.27 6.63 -3.94
N SER A 26 -4.07 6.31 -4.43
CA SER A 26 -3.84 5.59 -5.70
C SER A 26 -2.69 4.60 -5.63
N CYS A 27 -2.93 3.32 -5.96
CA CYS A 27 -1.93 2.27 -6.06
C CYS A 27 -1.32 2.17 -7.46
N ALA A 28 -2.08 2.42 -8.53
CA ALA A 28 -1.72 2.20 -9.93
C ALA A 28 -0.42 2.83 -10.40
N LYS A 29 0.64 2.04 -10.47
CA LYS A 29 1.97 2.32 -11.01
C LYS A 29 2.65 3.55 -10.40
N LYS A 30 3.37 3.38 -9.29
CA LYS A 30 4.06 4.44 -8.57
C LYS A 30 5.54 4.14 -8.35
N GLU A 31 5.91 3.23 -7.44
CA GLU A 31 7.26 2.84 -7.04
C GLU A 31 8.08 4.02 -6.49
N GLY A 32 7.94 4.31 -5.20
CA GLY A 32 8.62 5.39 -4.50
C GLY A 32 7.72 6.54 -4.07
N GLN A 33 6.55 6.25 -3.49
CA GLN A 33 5.62 7.23 -2.92
C GLN A 33 5.68 7.26 -1.39
N ALA A 34 5.76 6.11 -0.71
CA ALA A 34 5.72 5.90 0.74
C ALA A 34 4.28 5.91 1.25
N CYS A 35 3.68 4.74 1.44
CA CYS A 35 2.29 4.52 1.84
C CYS A 35 2.19 3.76 3.17
N THR A 36 1.13 3.98 3.93
CA THR A 36 0.92 3.44 5.28
C THR A 36 -0.19 2.40 5.36
N ARG A 37 -0.17 1.56 6.40
CA ARG A 37 -1.06 0.43 6.64
C ARG A 37 -2.22 0.79 7.57
N ASN A 38 -3.44 0.39 7.23
CA ASN A 38 -4.65 0.57 8.03
C ASN A 38 -5.50 -0.71 8.02
N GLY A 39 -5.63 -1.39 9.16
CA GLY A 39 -6.45 -2.58 9.33
C GLY A 39 -5.85 -3.87 8.77
N PRO A 40 -4.67 -4.35 9.22
CA PRO A 40 -4.02 -5.53 8.64
C PRO A 40 -4.62 -6.88 9.08
N GLY A 41 -4.68 -7.84 8.16
CA GLY A 41 -5.20 -9.18 8.39
C GLY A 41 -6.57 -9.40 7.80
N SER A 42 -7.56 -8.60 8.18
CA SER A 42 -8.96 -8.73 7.77
C SER A 42 -9.46 -7.62 6.85
N SER A 43 -9.12 -6.36 7.07
CA SER A 43 -9.61 -5.20 6.31
C SER A 43 -8.74 -4.90 5.09
N ASN A 44 -7.42 -4.88 5.22
CA ASN A 44 -6.43 -4.67 4.16
C ASN A 44 -6.58 -3.41 3.33
N SER A 45 -6.48 -2.25 3.99
CA SER A 45 -6.61 -0.91 3.41
C SER A 45 -5.36 -0.04 3.60
N ALA A 46 -5.12 0.90 2.69
CA ALA A 46 -3.97 1.82 2.68
C ALA A 46 -4.37 3.30 2.66
N SER A 47 -3.50 4.17 3.17
CA SER A 47 -3.63 5.62 3.04
C SER A 47 -2.39 6.14 2.29
N CYS A 48 -2.56 6.56 1.04
CA CYS A 48 -1.51 7.04 0.13
C CYS A 48 -1.76 8.49 -0.29
N PRO A 49 -0.76 9.38 -0.47
CA PRO A 49 -0.97 10.72 -1.03
C PRO A 49 -1.06 10.75 -2.56
N LYS A 50 -1.96 11.55 -3.13
CA LYS A 50 -2.18 11.69 -4.57
C LYS A 50 -1.39 12.86 -5.11
#